data_3K3F
#
_entry.id   3K3F
#
_cell.length_a   110.131
_cell.length_b   110.131
_cell.length_c   84.861
_cell.angle_alpha   90.000
_cell.angle_beta   90.000
_cell.angle_gamma   120.000
#
_symmetry.space_group_name_H-M   'P 63'
#
loop_
_entity.id
_entity.type
_entity.pdbx_description
1 polymer 'Urea transporter'
2 non-polymer 'GOLD ION'
3 water water
#
_entity_poly.entity_id   1
_entity_poly.type   'polypeptide(L)'
_entity_poly.pdbx_seq_one_letter_code
;SGRAFGEQLLKNPLIEFCDSVCRGCGQVMFQNNTVTGLLFFAGIFYNSTTLGVCAVLGTAASTLTAQLLGVDKPLVRAGL
FGFNGTLAGIALPFFFNYEPAMLGYVALNGAFTTIIMASLLNFLGKWGVPALTAPFVLATWLLMFGVYKLSLFHPGALIA
PALPSVAGLADMGTVTGRTFMEGLFKGVGEVMFQDNIVTGVIFVVAILVNSRISALFAVIGSLVGLCTALIMHSPETPVR
LGLYGFNSVLCGIAMGGIFFYLNIRTFLYALGCMVLGAIATGAFSVLLSPIGMPALTWPFIVVTWLFLFAGSMFRNIAQV
PTEKAGTPEDNLRSLAIGSR
;
_entity_poly.pdbx_strand_id   A
#
loop_
_chem_comp.id
_chem_comp.type
_chem_comp.name
_chem_comp.formula
AU non-polymer 'GOLD ION' 'Au 1'
#
# COMPACT_ATOMS: atom_id res chain seq x y z
N GLY A 2 6.76 -12.82 21.06
CA GLY A 2 7.67 -13.50 22.08
C GLY A 2 7.31 -13.09 23.53
N ARG A 3 6.04 -12.74 23.74
CA ARG A 3 5.67 -12.11 25.00
C ARG A 3 5.19 -13.16 25.99
N ALA A 4 5.33 -12.84 27.28
CA ALA A 4 4.85 -13.71 28.36
C ALA A 4 3.40 -14.12 28.08
N PHE A 5 3.13 -15.41 28.09
CA PHE A 5 1.79 -15.91 27.84
C PHE A 5 0.73 -15.37 28.83
N GLY A 6 1.15 -15.05 30.05
CA GLY A 6 0.23 -14.48 31.03
C GLY A 6 -0.35 -13.12 30.69
N GLU A 7 0.32 -12.40 29.81
CA GLU A 7 -0.13 -11.09 29.32
C GLU A 7 -1.52 -11.18 28.70
N GLN A 8 -1.84 -12.36 28.20
CA GLN A 8 -3.17 -12.67 27.73
C GLN A 8 -4.33 -12.44 28.75
N LEU A 9 -4.03 -12.49 30.06
CA LEU A 9 -5.01 -12.23 31.12
C LEU A 9 -5.43 -10.77 31.18
N LEU A 10 -4.53 -9.91 30.69
CA LEU A 10 -4.77 -8.47 30.67
C LEU A 10 -5.61 -8.01 29.43
N LYS A 11 -5.84 -8.92 28.47
CA LYS A 11 -6.57 -8.56 27.23
C LYS A 11 -8.04 -8.25 27.45
N ASN A 12 -8.57 -7.36 26.63
CA ASN A 12 -10.00 -7.07 26.56
C ASN A 12 -10.35 -6.65 25.12
N PRO A 13 -11.62 -6.80 24.70
CA PRO A 13 -11.95 -6.65 23.27
C PRO A 13 -11.43 -5.34 22.66
N LEU A 14 -11.61 -4.23 23.38
CA LEU A 14 -11.17 -2.91 22.92
C LEU A 14 -9.68 -2.81 22.61
N ILE A 15 -8.84 -3.31 23.52
CA ILE A 15 -7.37 -3.24 23.33
C ILE A 15 -6.88 -4.22 22.24
N GLU A 16 -7.54 -5.37 22.15
CA GLU A 16 -7.30 -6.31 21.05
C GLU A 16 -7.68 -5.65 19.71
N PHE A 17 -8.82 -4.96 19.68
CA PHE A 17 -9.28 -4.22 18.49
C PHE A 17 -8.26 -3.18 18.06
N CYS A 18 -7.71 -2.43 19.02
CA CYS A 18 -6.79 -1.35 18.67
C CYS A 18 -5.42 -1.84 18.22
N ASP A 19 -5.06 -3.01 18.73
CA ASP A 19 -3.83 -3.65 18.34
C ASP A 19 -4.04 -4.16 16.89
N SER A 20 -5.22 -4.72 16.62
CA SER A 20 -5.56 -5.13 15.27
C SER A 20 -5.54 -3.93 14.29
N VAL A 21 -6.08 -2.78 14.72
CA VAL A 21 -6.09 -1.53 13.92
C VAL A 21 -4.67 -1.06 13.57
N CYS A 22 -3.83 -0.92 14.57
CA CYS A 22 -2.41 -0.62 14.36
C CYS A 22 -1.55 -1.58 13.52
N ARG A 23 -1.66 -2.89 13.76
CA ARG A 23 -1.13 -3.91 12.83
C ARG A 23 -1.75 -3.76 11.43
N GLY A 24 -3.05 -3.51 11.38
CA GLY A 24 -3.75 -3.20 10.12
C GLY A 24 -3.03 -2.08 9.37
N CYS A 25 -2.80 -0.94 10.04
CA CYS A 25 -2.07 0.16 9.43
C CYS A 25 -0.66 -0.24 9.00
N GLY A 26 0.07 -0.94 9.87
CA GLY A 26 1.39 -1.48 9.51
C GLY A 26 1.39 -2.31 8.22
N GLN A 27 0.35 -3.11 8.03
CA GLN A 27 0.25 -3.98 6.85
C GLN A 27 0.07 -3.27 5.52
N VAL A 28 -0.13 -1.94 5.56
CA VAL A 28 -0.21 -1.14 4.32
C VAL A 28 1.11 -1.32 3.58
N MET A 29 2.18 -1.52 4.35
CA MET A 29 3.49 -1.77 3.79
C MET A 29 4.07 -3.12 4.19
N PHE A 30 3.16 -4.07 4.45
CA PHE A 30 3.47 -5.48 4.80
C PHE A 30 4.18 -5.67 6.13
N GLN A 31 4.04 -4.70 7.03
CA GLN A 31 4.71 -4.78 8.33
C GLN A 31 3.69 -5.15 9.39
N ASN A 32 3.75 -6.41 9.83
CA ASN A 32 2.86 -6.86 10.89
C ASN A 32 3.49 -6.45 12.22
N ASN A 33 3.28 -5.19 12.58
CA ASN A 33 3.93 -4.59 13.76
C ASN A 33 3.05 -3.42 14.21
N THR A 34 2.71 -3.43 15.51
CA THR A 34 1.82 -2.46 16.14
C THR A 34 2.48 -1.08 16.18
N VAL A 35 3.75 -1.07 16.58
CA VAL A 35 4.55 0.15 16.63
C VAL A 35 4.74 0.77 15.23
N THR A 36 4.93 -0.08 14.21
CA THR A 36 5.02 0.39 12.83
C THR A 36 3.71 1.09 12.38
N GLY A 37 2.57 0.45 12.65
CA GLY A 37 1.26 1.07 12.37
C GLY A 37 1.12 2.37 13.15
N LEU A 38 1.44 2.33 14.44
CA LEU A 38 1.38 3.55 15.27
C LEU A 38 2.21 4.73 14.67
N LEU A 39 3.44 4.46 14.24
CA LEU A 39 4.26 5.50 13.60
C LEU A 39 3.80 5.89 12.16
N PHE A 40 3.13 4.98 11.47
CA PHE A 40 2.48 5.33 10.20
C PHE A 40 1.38 6.36 10.46
N PHE A 41 0.48 6.05 11.41
CA PHE A 41 -0.51 7.00 11.88
C PHE A 41 0.12 8.34 12.29
N ALA A 42 1.19 8.30 13.07
CA ALA A 42 1.88 9.55 13.50
C ALA A 42 2.34 10.36 12.28
N GLY A 43 2.90 9.68 11.28
CA GLY A 43 3.32 10.31 10.03
C GLY A 43 2.19 10.97 9.28
N ILE A 44 1.08 10.27 9.12
CA ILE A 44 -0.13 10.86 8.52
C ILE A 44 -0.66 12.05 9.32
N PHE A 45 -0.81 11.89 10.64
CA PHE A 45 -1.32 12.95 11.51
C PHE A 45 -0.42 14.17 11.44
N TYR A 46 0.87 13.92 11.19
CA TYR A 46 1.86 15.00 11.06
C TYR A 46 1.56 15.86 9.83
N ASN A 47 1.03 15.23 8.82
CA ASN A 47 0.70 15.90 7.56
C ASN A 47 -0.71 16.53 7.57
N SER A 48 -1.66 15.80 8.13
CA SER A 48 -3.04 16.22 8.12
C SER A 48 -3.78 15.41 9.16
N THR A 49 -4.26 16.11 10.17
CA THR A 49 -5.20 15.60 11.16
C THR A 49 -6.47 14.99 10.51
N THR A 50 -7.00 15.64 9.46
CA THR A 50 -8.21 15.18 8.82
C THR A 50 -7.97 13.81 8.13
N LEU A 51 -6.85 13.69 7.44
CA LEU A 51 -6.44 12.43 6.81
C LEU A 51 -6.11 11.33 7.83
N GLY A 52 -5.52 11.69 8.96
CA GLY A 52 -5.27 10.72 10.01
C GLY A 52 -6.53 10.18 10.66
N VAL A 53 -7.49 11.04 10.98
CA VAL A 53 -8.76 10.57 11.53
C VAL A 53 -9.42 9.62 10.52
N CYS A 54 -9.41 9.99 9.26
CA CYS A 54 -10.06 9.21 8.20
C CYS A 54 -9.31 7.88 7.85
N ALA A 55 -7.99 7.86 7.95
CA ALA A 55 -7.19 6.58 7.99
C ALA A 55 -7.62 5.63 9.13
N VAL A 56 -7.70 6.18 10.34
CA VAL A 56 -8.13 5.44 11.50
C VAL A 56 -9.56 4.92 11.28
N LEU A 57 -10.47 5.78 10.84
CA LEU A 57 -11.86 5.39 10.66
C LEU A 57 -12.01 4.29 9.62
N GLY A 58 -11.30 4.42 8.50
CA GLY A 58 -11.25 3.38 7.50
C GLY A 58 -10.70 2.04 7.97
N THR A 59 -9.58 2.06 8.70
CA THR A 59 -9.02 0.83 9.29
C THR A 59 -10.00 0.21 10.30
N ALA A 60 -10.57 1.04 11.17
CA ALA A 60 -11.59 0.59 12.13
C ALA A 60 -12.83 -0.04 11.47
N ALA A 61 -13.35 0.59 10.41
CA ALA A 61 -14.56 0.10 9.72
C ALA A 61 -14.33 -1.25 9.05
N SER A 62 -13.20 -1.39 8.38
CA SER A 62 -12.87 -2.66 7.74
C SER A 62 -12.60 -3.80 8.73
N THR A 63 -11.83 -3.50 9.78
CA THR A 63 -11.56 -4.46 10.87
C THR A 63 -12.84 -4.93 11.60
N LEU A 64 -13.69 -3.98 11.96
CA LEU A 64 -14.94 -4.29 12.64
C LEU A 64 -15.85 -5.13 11.77
N THR A 65 -15.97 -4.76 10.49
CA THR A 65 -16.76 -5.51 9.53
C THR A 65 -16.30 -6.98 9.42
N ALA A 66 -14.99 -7.20 9.29
CA ALA A 66 -14.38 -8.55 9.37
C ALA A 66 -14.80 -9.32 10.65
N GLN A 67 -14.67 -8.66 11.80
CA GLN A 67 -15.09 -9.29 13.03
C GLN A 67 -16.61 -9.54 13.04
N LEU A 68 -17.40 -8.63 12.49
CA LEU A 68 -18.87 -8.80 12.49
C LEU A 68 -19.29 -9.99 11.63
N LEU A 69 -18.57 -10.19 10.53
CA LEU A 69 -18.85 -11.27 9.59
C LEU A 69 -18.18 -12.57 10.04
N GLY A 70 -17.32 -12.50 11.07
CA GLY A 70 -16.60 -13.67 11.58
C GLY A 70 -15.47 -14.17 10.66
N VAL A 71 -14.55 -13.28 10.31
CA VAL A 71 -13.29 -13.73 9.71
C VAL A 71 -12.50 -14.50 10.79
N ASP A 72 -11.75 -15.53 10.38
CA ASP A 72 -10.85 -16.27 11.26
C ASP A 72 -9.98 -15.26 12.02
N LYS A 73 -10.05 -15.35 13.34
CA LYS A 73 -9.30 -14.48 14.24
C LYS A 73 -7.82 -14.22 13.87
N PRO A 74 -7.03 -15.26 13.53
CA PRO A 74 -5.63 -14.96 13.11
C PRO A 74 -5.49 -13.95 11.94
N LEU A 75 -6.38 -14.01 10.96
CA LEU A 75 -6.35 -13.10 9.81
C LEU A 75 -6.58 -11.64 10.30
N VAL A 76 -7.56 -11.49 11.18
CA VAL A 76 -7.93 -10.19 11.72
C VAL A 76 -6.81 -9.67 12.64
N ARG A 77 -6.33 -10.55 13.53
CA ARG A 77 -5.26 -10.19 14.48
C ARG A 77 -3.94 -9.81 13.78
N ALA A 78 -3.70 -10.35 12.58
CA ALA A 78 -2.55 -9.98 11.74
C ALA A 78 -2.72 -8.66 10.94
N GLY A 79 -3.86 -7.99 11.10
CA GLY A 79 -4.09 -6.74 10.39
C GLY A 79 -4.38 -6.87 8.90
N LEU A 80 -4.62 -8.09 8.45
CA LEU A 80 -4.87 -8.33 7.02
C LEU A 80 -6.23 -7.78 6.59
N PHE A 81 -7.08 -7.46 7.54
CA PHE A 81 -8.36 -6.87 7.22
C PHE A 81 -8.41 -5.41 7.65
N GLY A 82 -7.25 -4.83 7.97
CA GLY A 82 -7.13 -3.39 8.22
C GLY A 82 -6.52 -2.54 7.09
N PHE A 83 -5.48 -3.02 6.42
CA PHE A 83 -4.65 -2.14 5.59
C PHE A 83 -5.39 -1.55 4.39
N ASN A 84 -6.21 -2.36 3.74
CA ASN A 84 -7.01 -1.87 2.66
C ASN A 84 -8.01 -0.85 3.19
N GLY A 85 -8.41 -0.98 4.45
CA GLY A 85 -9.37 -0.02 5.05
C GLY A 85 -8.68 1.31 5.36
N THR A 86 -7.39 1.24 5.74
CA THR A 86 -6.57 2.44 5.95
C THR A 86 -6.53 3.29 4.67
N LEU A 87 -6.19 2.65 3.55
CA LEU A 87 -6.11 3.33 2.27
C LEU A 87 -7.48 3.85 1.79
N ALA A 88 -8.52 3.06 2.04
CA ALA A 88 -9.86 3.41 1.61
C ALA A 88 -10.34 4.66 2.30
N GLY A 89 -9.93 4.78 3.56
CA GLY A 89 -10.16 5.96 4.38
C GLY A 89 -9.42 7.20 3.92
N ILE A 90 -8.14 7.09 3.58
CA ILE A 90 -7.39 8.27 3.07
C ILE A 90 -7.79 8.70 1.63
N ALA A 91 -7.98 7.75 0.73
CA ALA A 91 -8.12 8.05 -0.70
C ALA A 91 -9.32 8.99 -0.98
N LEU A 92 -10.43 8.77 -0.28
CA LEU A 92 -11.66 9.51 -0.56
C LEU A 92 -11.54 11.05 -0.33
N PRO A 93 -11.07 11.49 0.85
CA PRO A 93 -10.81 12.95 1.07
C PRO A 93 -9.58 13.50 0.30
N PHE A 94 -8.69 12.63 -0.13
CA PHE A 94 -7.56 13.05 -0.97
C PHE A 94 -8.07 13.49 -2.37
N PHE A 95 -9.04 12.76 -2.90
CA PHE A 95 -9.47 12.95 -4.29
C PHE A 95 -10.76 13.77 -4.44
N PHE A 96 -11.64 13.70 -3.45
CA PHE A 96 -12.95 14.34 -3.50
C PHE A 96 -13.03 15.46 -2.47
N ASN A 97 -13.77 16.52 -2.77
CA ASN A 97 -13.99 17.59 -1.76
C ASN A 97 -14.84 17.11 -0.59
N TYR A 98 -14.68 17.76 0.56
CA TYR A 98 -15.49 17.44 1.74
C TYR A 98 -17.00 17.66 1.55
N GLU A 99 -17.77 16.70 2.07
CA GLU A 99 -19.19 16.84 2.33
C GLU A 99 -19.48 16.12 3.65
N PRO A 100 -20.60 16.45 4.35
CA PRO A 100 -20.88 15.80 5.66
C PRO A 100 -20.83 14.25 5.55
N ALA A 101 -21.39 13.77 4.44
CA ALA A 101 -21.43 12.36 4.09
C ALA A 101 -20.05 11.70 4.01
N MET A 102 -18.96 12.47 4.01
CA MET A 102 -17.64 11.87 3.75
C MET A 102 -17.31 10.69 4.70
N LEU A 103 -17.57 10.90 5.98
CA LEU A 103 -17.27 9.91 7.01
C LEU A 103 -18.10 8.64 6.81
N GLY A 104 -19.37 8.79 6.44
CA GLY A 104 -20.21 7.65 6.13
C GLY A 104 -19.65 6.87 4.92
N TYR A 105 -19.23 7.59 3.90
CA TYR A 105 -18.71 6.98 2.67
C TYR A 105 -17.37 6.26 2.89
N VAL A 106 -16.50 6.84 3.72
CA VAL A 106 -15.27 6.21 4.22
C VAL A 106 -15.56 4.91 4.97
N ALA A 107 -16.50 4.90 5.93
CA ALA A 107 -16.92 3.65 6.62
C ALA A 107 -17.41 2.58 5.64
N LEU A 108 -18.27 2.99 4.68
CA LEU A 108 -18.73 2.12 3.62
C LEU A 108 -17.59 1.56 2.79
N ASN A 109 -16.67 2.43 2.36
CA ASN A 109 -15.53 2.01 1.53
C ASN A 109 -14.66 1.01 2.31
N GLY A 110 -14.43 1.30 3.59
CA GLY A 110 -13.68 0.39 4.48
C GLY A 110 -14.39 -0.94 4.64
N ALA A 111 -15.72 -0.92 4.87
CA ALA A 111 -16.49 -2.16 4.98
C ALA A 111 -16.36 -3.00 3.71
N PHE A 112 -16.51 -2.36 2.57
CA PHE A 112 -16.37 -2.99 1.25
C PHE A 112 -15.00 -3.66 0.98
N THR A 113 -13.90 -3.01 1.39
CA THR A 113 -12.57 -3.62 1.26
C THR A 113 -12.52 -4.97 1.95
N THR A 114 -13.25 -5.11 3.05
CA THR A 114 -13.22 -6.35 3.80
C THR A 114 -13.92 -7.49 3.01
N ILE A 115 -15.05 -7.18 2.37
CA ILE A 115 -15.66 -8.15 1.41
C ILE A 115 -14.65 -8.61 0.38
N ILE A 116 -13.97 -7.66 -0.26
CA ILE A 116 -13.14 -7.97 -1.44
C ILE A 116 -11.88 -8.69 -0.99
N MET A 117 -11.37 -8.33 0.19
CA MET A 117 -10.25 -9.04 0.81
C MET A 117 -10.58 -10.54 0.99
N ALA A 118 -11.73 -10.84 1.56
CA ALA A 118 -12.26 -12.20 1.66
C ALA A 118 -12.43 -12.86 0.30
N SER A 119 -12.95 -12.11 -0.69
CA SER A 119 -13.12 -12.63 -2.05
C SER A 119 -11.81 -13.11 -2.63
N LEU A 120 -10.81 -12.26 -2.52
CA LEU A 120 -9.53 -12.45 -3.14
C LEU A 120 -8.69 -13.46 -2.37
N LEU A 121 -8.80 -13.53 -1.05
CA LEU A 121 -8.16 -14.65 -0.31
C LEU A 121 -8.72 -16.01 -0.71
N ASN A 122 -10.04 -16.08 -0.89
CA ASN A 122 -10.64 -17.28 -1.44
C ASN A 122 -10.17 -17.55 -2.90
N PHE A 123 -10.26 -16.55 -3.77
CA PHE A 123 -9.87 -16.72 -5.19
C PHE A 123 -8.36 -17.06 -5.35
N LEU A 124 -7.51 -16.16 -4.89
CA LEU A 124 -6.07 -16.25 -5.10
C LEU A 124 -5.39 -17.32 -4.25
N GLY A 125 -6.04 -17.69 -3.13
CA GLY A 125 -5.44 -18.61 -2.15
C GLY A 125 -5.15 -19.99 -2.71
N LYS A 126 -5.92 -20.35 -3.73
CA LYS A 126 -5.70 -21.60 -4.47
C LYS A 126 -4.30 -21.69 -5.09
N TRP A 127 -3.66 -20.53 -5.32
CA TRP A 127 -2.27 -20.51 -5.75
C TRP A 127 -1.32 -19.95 -4.70
N GLY A 128 -1.76 -19.76 -3.47
CA GLY A 128 -0.86 -19.19 -2.43
C GLY A 128 -0.42 -17.74 -2.72
N VAL A 129 -1.22 -17.00 -3.49
CA VAL A 129 -0.87 -15.63 -3.87
C VAL A 129 -1.66 -14.64 -3.02
N PRO A 130 -0.99 -13.62 -2.45
CA PRO A 130 -1.69 -12.58 -1.66
C PRO A 130 -2.55 -11.58 -2.45
N ALA A 131 -3.51 -10.99 -1.74
CA ALA A 131 -4.50 -10.10 -2.30
C ALA A 131 -3.89 -8.73 -2.54
N LEU A 132 -2.80 -8.42 -1.81
CA LEU A 132 -2.14 -7.08 -1.85
C LEU A 132 -3.19 -5.99 -1.60
N THR A 133 -3.08 -4.87 -2.29
CA THR A 133 -4.00 -3.77 -2.06
C THR A 133 -5.14 -3.76 -3.09
N ALA A 134 -5.36 -4.88 -3.79
CA ALA A 134 -6.51 -4.99 -4.71
C ALA A 134 -7.83 -4.70 -4.04
N PRO A 135 -8.07 -5.19 -2.80
CA PRO A 135 -9.36 -4.77 -2.17
C PRO A 135 -9.57 -3.28 -2.05
N PHE A 136 -8.59 -2.55 -1.53
CA PHE A 136 -8.65 -1.08 -1.56
C PHE A 136 -8.86 -0.47 -3.01
N VAL A 137 -8.12 -0.93 -4.00
CA VAL A 137 -8.22 -0.27 -5.33
C VAL A 137 -9.62 -0.51 -5.92
N LEU A 138 -10.12 -1.74 -5.79
CA LEU A 138 -11.36 -2.13 -6.49
C LEU A 138 -12.57 -1.49 -5.81
N ALA A 139 -12.58 -1.48 -4.48
CA ALA A 139 -13.62 -0.83 -3.74
C ALA A 139 -13.62 0.65 -4.05
N THR A 140 -12.45 1.29 -3.97
CA THR A 140 -12.36 2.73 -4.18
C THR A 140 -12.77 3.17 -5.59
N TRP A 141 -12.32 2.41 -6.60
CA TRP A 141 -12.76 2.65 -7.98
C TRP A 141 -14.28 2.56 -8.08
N LEU A 142 -14.88 1.53 -7.49
CA LEU A 142 -16.33 1.39 -7.57
C LEU A 142 -17.08 2.56 -6.88
N LEU A 143 -16.52 3.04 -5.78
CA LEU A 143 -17.12 4.18 -5.10
C LEU A 143 -16.76 5.54 -5.71
N MET A 144 -15.67 5.61 -6.49
CA MET A 144 -15.22 6.87 -7.09
C MET A 144 -15.68 7.13 -8.50
N PHE A 145 -15.66 6.10 -9.37
CA PHE A 145 -15.86 6.28 -10.81
C PHE A 145 -17.22 6.95 -11.12
N GLY A 146 -18.24 6.61 -10.33
CA GLY A 146 -19.62 7.04 -10.59
C GLY A 146 -19.93 8.48 -10.20
N VAL A 147 -18.91 9.22 -9.73
CA VAL A 147 -19.12 10.58 -9.20
C VAL A 147 -19.70 11.55 -10.23
N TYR A 148 -19.43 11.34 -11.53
CA TYR A 148 -20.03 12.17 -12.54
C TYR A 148 -21.54 11.94 -12.68
N LYS A 149 -22.05 10.82 -12.17
CA LYS A 149 -23.44 10.48 -12.37
C LYS A 149 -24.20 10.60 -11.07
N LEU A 150 -23.45 10.51 -9.97
CA LEU A 150 -23.97 10.54 -8.62
C LEU A 150 -23.21 11.65 -7.93
N SER A 151 -23.87 12.80 -7.80
CA SER A 151 -23.25 14.06 -7.39
C SER A 151 -23.13 14.32 -5.89
N LEU A 152 -23.23 13.32 -5.03
CA LEU A 152 -23.18 13.63 -3.61
C LEU A 152 -21.83 14.29 -3.32
N PHE A 153 -20.77 13.68 -3.81
CA PHE A 153 -19.42 14.24 -3.75
C PHE A 153 -19.09 14.95 -5.05
N HIS A 154 -18.09 15.80 -4.93
CA HIS A 154 -17.61 16.56 -6.05
C HIS A 154 -16.10 16.27 -6.16
N PRO A 155 -15.63 15.94 -7.37
CA PRO A 155 -14.21 15.56 -7.44
C PRO A 155 -13.32 16.77 -7.30
N GLY A 156 -12.13 16.55 -6.75
CA GLY A 156 -11.13 17.61 -6.70
C GLY A 156 -10.51 17.81 -8.08
N ALA A 157 -9.64 18.79 -8.17
CA ALA A 157 -9.05 19.23 -9.42
C ALA A 157 -8.04 18.24 -10.02
N LEU A 158 -7.60 17.23 -9.25
CA LEU A 158 -6.82 16.10 -9.74
C LEU A 158 -7.60 15.20 -10.72
N ILE A 159 -8.93 15.31 -10.69
CA ILE A 159 -9.80 14.44 -11.44
C ILE A 159 -10.36 15.18 -12.65
N ALA A 160 -9.76 14.93 -13.83
CA ALA A 160 -10.07 15.72 -15.02
C ALA A 160 -10.02 14.84 -16.26
N PRO A 161 -11.19 14.37 -16.75
CA PRO A 161 -11.26 13.44 -17.89
C PRO A 161 -10.62 14.12 -19.13
N ALA A 162 -9.76 13.43 -19.86
CA ALA A 162 -9.21 13.96 -21.12
C ALA A 162 -8.69 12.78 -21.90
N LEU A 163 -8.76 12.84 -23.22
CA LEU A 163 -8.09 11.84 -24.01
C LEU A 163 -6.59 12.12 -23.80
N PRO A 164 -5.76 11.06 -23.77
CA PRO A 164 -4.32 11.34 -23.55
C PRO A 164 -3.69 12.01 -24.76
N SER A 165 -2.57 12.72 -24.54
CA SER A 165 -1.76 13.25 -25.63
C SER A 165 -0.31 13.47 -25.16
N VAL A 166 0.59 13.58 -26.14
CA VAL A 166 2.03 13.81 -25.86
C VAL A 166 2.30 15.09 -25.04
N ASP A 171 5.44 21.52 -19.49
CA ASP A 171 6.43 20.82 -20.30
C ASP A 171 7.36 19.95 -19.44
N MET A 172 8.60 19.74 -19.90
CA MET A 172 9.45 18.70 -19.32
C MET A 172 10.10 19.00 -17.96
N GLY A 173 10.22 20.29 -17.62
CA GLY A 173 10.83 20.72 -16.35
C GLY A 173 12.34 20.52 -16.33
N THR A 174 12.93 20.63 -15.14
CA THR A 174 14.38 20.55 -14.99
C THR A 174 14.73 19.67 -13.79
N VAL A 175 15.52 18.64 -14.03
CA VAL A 175 15.97 17.77 -12.95
C VAL A 175 17.05 18.46 -12.10
N THR A 176 16.88 18.40 -10.79
CA THR A 176 17.83 18.99 -9.83
C THR A 176 17.98 18.00 -8.69
N GLY A 177 18.87 18.31 -7.75
CA GLY A 177 18.99 17.57 -6.49
C GLY A 177 17.66 17.46 -5.76
N ARG A 178 16.86 18.53 -5.82
CA ARG A 178 15.52 18.53 -5.22
C ARG A 178 14.62 17.39 -5.75
N THR A 179 14.64 17.15 -7.06
CA THR A 179 13.91 16.05 -7.69
C THR A 179 14.17 14.75 -6.94
N PHE A 180 15.41 14.59 -6.50
CA PHE A 180 15.84 13.35 -5.90
C PHE A 180 15.48 13.23 -4.43
N MET A 181 15.71 14.28 -3.65
CA MET A 181 15.44 14.20 -2.21
C MET A 181 13.93 14.23 -1.94
N GLU A 182 13.21 15.05 -2.70
CA GLU A 182 11.75 15.12 -2.62
C GLU A 182 11.11 13.87 -3.23
N GLY A 183 11.62 13.44 -4.38
CA GLY A 183 11.10 12.24 -5.05
C GLY A 183 11.22 11.01 -4.19
N LEU A 184 12.41 10.82 -3.61
CA LEU A 184 12.66 9.69 -2.72
C LEU A 184 11.64 9.58 -1.60
N PHE A 185 11.52 10.63 -0.77
CA PHE A 185 10.68 10.54 0.44
C PHE A 185 9.17 10.70 0.23
N LYS A 186 8.75 11.51 -0.75
CA LYS A 186 7.33 11.56 -1.13
C LYS A 186 6.91 10.27 -1.84
N GLY A 187 7.87 9.55 -2.46
CA GLY A 187 7.58 8.24 -3.05
C GLY A 187 7.08 7.31 -1.97
N VAL A 188 7.76 7.33 -0.81
CA VAL A 188 7.32 6.55 0.35
C VAL A 188 6.00 7.13 0.92
N GLY A 189 5.96 8.43 1.15
CA GLY A 189 4.77 9.09 1.66
C GLY A 189 3.56 8.81 0.78
N GLU A 190 3.73 8.78 -0.54
CA GLU A 190 2.59 8.67 -1.44
C GLU A 190 1.96 7.28 -1.46
N VAL A 191 2.62 6.30 -0.86
CA VAL A 191 1.99 4.97 -0.62
C VAL A 191 0.70 5.18 0.15
N MET A 192 0.67 6.20 1.01
CA MET A 192 -0.56 6.53 1.73
C MET A 192 -1.11 7.90 1.41
N PHE A 193 -0.84 8.37 0.20
CA PHE A 193 -1.39 9.66 -0.27
C PHE A 193 -0.92 10.82 0.60
N GLN A 194 0.34 10.77 1.06
CA GLN A 194 0.92 11.82 1.92
C GLN A 194 1.99 12.59 1.17
N ASP A 195 1.56 13.73 0.64
CA ASP A 195 2.45 14.64 -0.09
C ASP A 195 3.35 15.43 0.90
N ASN A 196 4.22 14.69 1.58
CA ASN A 196 4.99 15.24 2.67
C ASN A 196 6.30 14.44 2.88
N ILE A 197 7.41 15.18 2.79
CA ILE A 197 8.77 14.64 2.88
C ILE A 197 9.04 14.00 4.27
N VAL A 198 8.68 14.74 5.34
CA VAL A 198 8.85 14.26 6.70
C VAL A 198 8.01 13.00 7.00
N THR A 199 6.75 13.00 6.58
CA THR A 199 5.90 11.80 6.69
C THR A 199 6.61 10.63 6.04
N GLY A 200 7.09 10.84 4.81
CA GLY A 200 7.94 9.86 4.13
C GLY A 200 9.13 9.36 4.95
N VAL A 201 9.83 10.25 5.67
CA VAL A 201 10.96 9.83 6.51
C VAL A 201 10.41 9.03 7.70
N ILE A 202 9.37 9.57 8.34
CA ILE A 202 8.66 8.84 9.41
C ILE A 202 8.30 7.41 8.97
N PHE A 203 7.81 7.25 7.73
CA PHE A 203 7.37 5.96 7.20
C PHE A 203 8.54 4.97 7.11
N VAL A 204 9.68 5.48 6.64
CA VAL A 204 10.87 4.65 6.57
C VAL A 204 11.30 4.23 8.00
N VAL A 205 11.34 5.19 8.91
CA VAL A 205 11.73 4.89 10.28
C VAL A 205 10.78 3.82 10.85
N ALA A 206 9.48 3.99 10.62
CA ALA A 206 8.45 3.04 11.07
C ALA A 206 8.66 1.60 10.58
N ILE A 207 8.95 1.44 9.29
CA ILE A 207 9.32 0.14 8.74
C ILE A 207 10.62 -0.37 9.37
N LEU A 208 11.63 0.50 9.47
CA LEU A 208 12.89 0.18 10.14
C LEU A 208 12.69 -0.47 11.52
N VAL A 209 11.65 -0.07 12.25
CA VAL A 209 11.37 -0.65 13.59
C VAL A 209 11.12 -2.17 13.50
N ASN A 210 10.32 -2.57 12.50
CA ASN A 210 10.01 -3.98 12.28
C ASN A 210 11.08 -4.73 11.47
N SER A 211 11.66 -4.09 10.47
CA SER A 211 12.59 -4.73 9.56
C SER A 211 13.49 -3.77 8.80
N ARG A 212 14.80 -3.90 9.00
CA ARG A 212 15.78 -3.07 8.32
C ARG A 212 15.85 -3.33 6.80
N ILE A 213 15.86 -4.59 6.41
CA ILE A 213 15.80 -4.95 4.97
C ILE A 213 14.58 -4.39 4.23
N SER A 214 13.41 -4.46 4.87
CA SER A 214 12.23 -3.86 4.29
C SER A 214 12.36 -2.33 4.22
N ALA A 215 13.08 -1.73 5.18
CA ALA A 215 13.25 -0.28 5.16
C ALA A 215 14.13 0.13 3.98
N LEU A 216 15.17 -0.66 3.73
CA LEU A 216 16.06 -0.45 2.59
C LEU A 216 15.35 -0.64 1.24
N PHE A 217 14.52 -1.67 1.12
CA PHE A 217 13.75 -1.90 -0.11
C PHE A 217 12.66 -0.82 -0.30
N ALA A 218 12.14 -0.29 0.80
CA ALA A 218 11.26 0.90 0.68
C ALA A 218 12.04 2.00 -0.03
N VAL A 219 13.29 2.27 0.43
CA VAL A 219 14.14 3.31 -0.15
C VAL A 219 14.58 3.01 -1.60
N ILE A 220 15.07 1.80 -1.85
CA ILE A 220 15.43 1.33 -3.19
C ILE A 220 14.27 1.46 -4.20
N GLY A 221 13.10 0.93 -3.85
CA GLY A 221 11.95 0.98 -4.72
C GLY A 221 11.60 2.41 -5.08
N SER A 222 11.60 3.32 -4.09
CA SER A 222 11.29 4.73 -4.39
C SER A 222 12.28 5.30 -5.43
N LEU A 223 13.55 5.03 -5.21
CA LEU A 223 14.63 5.41 -6.12
C LEU A 223 14.54 4.78 -7.53
N VAL A 224 14.34 3.47 -7.60
CA VAL A 224 14.21 2.78 -8.89
C VAL A 224 12.98 3.29 -9.70
N GLY A 225 11.91 3.59 -8.98
CA GLY A 225 10.71 4.15 -9.63
C GLY A 225 11.00 5.52 -10.22
N LEU A 226 11.63 6.36 -9.39
CA LEU A 226 12.08 7.70 -9.74
C LEU A 226 12.96 7.73 -10.99
N CYS A 227 14.06 6.97 -10.99
CA CYS A 227 15.03 7.04 -12.09
C CYS A 227 14.55 6.27 -13.32
N THR A 228 13.75 5.21 -13.15
CA THR A 228 13.04 4.58 -14.29
C THR A 228 12.20 5.62 -15.05
N ALA A 229 11.40 6.38 -14.29
CA ALA A 229 10.58 7.46 -14.84
C ALA A 229 11.44 8.52 -15.56
N LEU A 230 12.58 8.88 -14.97
CA LEU A 230 13.56 9.76 -15.63
C LEU A 230 14.16 9.17 -16.92
N ILE A 231 14.65 7.93 -16.87
CA ILE A 231 15.13 7.22 -18.07
C ILE A 231 14.02 7.19 -19.16
N MET A 232 12.77 6.99 -18.74
CA MET A 232 11.65 6.97 -19.66
C MET A 232 11.13 8.39 -20.07
N HIS A 233 11.80 9.45 -19.64
CA HIS A 233 11.44 10.84 -20.01
C HIS A 233 10.04 11.30 -19.54
N SER A 234 9.63 10.90 -18.34
CA SER A 234 8.58 11.62 -17.63
C SER A 234 8.93 13.12 -17.44
N PRO A 235 7.94 14.02 -17.52
CA PRO A 235 8.24 15.36 -16.97
C PRO A 235 8.68 15.23 -15.51
N GLU A 236 9.50 16.17 -15.05
CA GLU A 236 10.07 16.18 -13.71
C GLU A 236 9.03 16.32 -12.57
N THR A 237 7.99 17.12 -12.77
CA THR A 237 7.01 17.43 -11.71
C THR A 237 6.43 16.18 -11.00
N PRO A 238 5.87 15.20 -11.78
CA PRO A 238 5.37 13.95 -11.17
C PRO A 238 6.47 13.14 -10.47
N VAL A 239 7.66 13.14 -11.03
CA VAL A 239 8.81 12.48 -10.42
C VAL A 239 9.18 13.09 -9.05
N ARG A 240 9.44 14.40 -9.00
CA ARG A 240 9.67 15.12 -7.75
C ARG A 240 8.57 14.82 -6.68
N LEU A 241 7.32 14.76 -7.13
CA LEU A 241 6.17 14.48 -6.27
C LEU A 241 6.02 13.02 -5.80
N GLY A 242 6.92 12.14 -6.24
CA GLY A 242 6.97 10.75 -5.83
C GLY A 242 5.87 9.91 -6.45
N LEU A 243 5.30 10.38 -7.57
CA LEU A 243 4.16 9.70 -8.18
C LEU A 243 4.60 8.45 -8.97
N TYR A 244 5.89 8.40 -9.29
CA TYR A 244 6.49 7.21 -9.88
C TYR A 244 7.30 6.38 -8.87
N GLY A 245 7.34 6.80 -7.61
CA GLY A 245 7.95 5.99 -6.58
C GLY A 245 7.02 5.04 -5.87
N PHE A 246 5.78 5.44 -5.57
CA PHE A 246 5.01 4.70 -4.56
C PHE A 246 4.61 3.25 -4.94
N ASN A 247 4.22 2.98 -6.18
CA ASN A 247 4.04 1.59 -6.62
C ASN A 247 5.35 0.77 -6.55
N SER A 248 6.46 1.42 -6.89
CA SER A 248 7.74 0.77 -6.81
C SER A 248 8.22 0.50 -5.35
N VAL A 249 7.76 1.33 -4.41
CA VAL A 249 8.03 1.11 -2.98
C VAL A 249 7.37 -0.20 -2.53
N LEU A 250 6.07 -0.33 -2.83
CA LEU A 250 5.33 -1.53 -2.51
C LEU A 250 5.97 -2.72 -3.21
N CYS A 251 6.29 -2.58 -4.51
CA CYS A 251 6.95 -3.68 -5.24
C CYS A 251 8.21 -4.12 -4.52
N GLY A 252 9.01 -3.15 -4.07
CA GLY A 252 10.28 -3.46 -3.47
C GLY A 252 10.11 -4.20 -2.15
N ILE A 253 9.17 -3.74 -1.34
CA ILE A 253 8.98 -4.31 -0.02
C ILE A 253 8.44 -5.74 -0.13
N ALA A 254 7.48 -5.94 -1.04
CA ALA A 254 6.87 -7.26 -1.23
C ALA A 254 7.87 -8.28 -1.78
N MET A 255 8.59 -7.89 -2.84
CA MET A 255 9.55 -8.77 -3.53
C MET A 255 10.88 -8.89 -2.81
N GLY A 256 11.17 -7.92 -1.94
CA GLY A 256 12.46 -7.87 -1.28
C GLY A 256 12.53 -8.68 0.01
N GLY A 257 12.42 -10.00 -0.10
CA GLY A 257 12.61 -10.84 1.07
C GLY A 257 11.36 -11.24 1.85
N ILE A 258 10.19 -10.66 1.53
CA ILE A 258 8.94 -11.06 2.20
C ILE A 258 8.28 -12.29 1.53
N PHE A 259 8.03 -12.19 0.23
CA PHE A 259 7.40 -13.25 -0.54
C PHE A 259 8.42 -14.07 -1.28
N PHE A 260 9.66 -13.60 -1.29
CA PHE A 260 10.78 -14.37 -1.82
C PHE A 260 11.92 -14.30 -0.83
N TYR A 261 12.60 -15.43 -0.60
CA TYR A 261 13.83 -15.46 0.23
C TYR A 261 14.87 -14.57 -0.41
N LEU A 262 15.38 -13.60 0.34
CA LEU A 262 16.34 -12.68 -0.22
C LEU A 262 17.69 -13.35 -0.54
N ASN A 263 18.03 -13.30 -1.82
CA ASN A 263 19.38 -13.59 -2.28
C ASN A 263 19.63 -12.75 -3.54
N ILE A 264 20.80 -12.92 -4.15
CA ILE A 264 21.17 -12.20 -5.36
C ILE A 264 20.16 -12.35 -6.48
N ARG A 265 19.64 -13.55 -6.67
CA ARG A 265 18.70 -13.83 -7.78
C ARG A 265 17.32 -13.18 -7.55
N THR A 266 16.83 -13.32 -6.32
CA THR A 266 15.53 -12.78 -5.96
C THR A 266 15.65 -11.27 -5.84
N PHE A 267 16.87 -10.78 -5.61
CA PHE A 267 17.12 -9.35 -5.60
C PHE A 267 16.93 -8.75 -7.01
N LEU A 268 17.49 -9.43 -8.00
CA LEU A 268 17.42 -9.02 -9.40
C LEU A 268 15.98 -9.14 -9.93
N TYR A 269 15.28 -10.20 -9.51
CA TYR A 269 13.87 -10.39 -9.75
C TYR A 269 13.03 -9.24 -9.14
N ALA A 270 13.32 -8.89 -7.90
CA ALA A 270 12.72 -7.72 -7.24
C ALA A 270 12.92 -6.46 -8.07
N LEU A 271 14.10 -6.27 -8.65
CA LEU A 271 14.46 -5.07 -9.40
C LEU A 271 13.67 -4.96 -10.70
N GLY A 272 13.54 -6.08 -11.41
CA GLY A 272 12.70 -6.13 -12.58
C GLY A 272 11.27 -5.74 -12.24
N CYS A 273 10.75 -6.23 -11.13
CA CYS A 273 9.39 -5.89 -10.68
C CYS A 273 9.26 -4.40 -10.30
N MET A 274 10.27 -3.81 -9.67
CA MET A 274 10.23 -2.37 -9.33
C MET A 274 10.26 -1.48 -10.56
N VAL A 275 11.10 -1.81 -11.55
CA VAL A 275 11.16 -1.09 -12.84
C VAL A 275 9.81 -1.16 -13.58
N LEU A 276 9.24 -2.35 -13.70
CA LEU A 276 8.01 -2.52 -14.45
C LEU A 276 6.80 -1.87 -13.75
N GLY A 277 6.84 -1.81 -12.40
CA GLY A 277 5.88 -1.09 -11.62
C GLY A 277 5.82 0.39 -11.94
N ALA A 278 6.98 1.02 -12.13
CA ALA A 278 7.03 2.42 -12.59
C ALA A 278 6.52 2.61 -14.02
N ILE A 279 6.95 1.75 -14.95
CA ILE A 279 6.40 1.76 -16.31
C ILE A 279 4.85 1.49 -16.29
N ALA A 280 4.39 0.51 -15.53
CA ALA A 280 2.93 0.25 -15.42
C ALA A 280 2.15 1.45 -14.82
N THR A 281 2.82 2.29 -14.05
CA THR A 281 2.22 3.50 -13.52
C THR A 281 1.80 4.50 -14.64
N GLY A 282 2.67 4.71 -15.63
CA GLY A 282 2.31 5.53 -16.78
C GLY A 282 1.20 4.83 -17.55
N ALA A 283 1.31 3.51 -17.72
CA ALA A 283 0.31 2.75 -18.49
C ALA A 283 -1.11 2.88 -17.96
N PHE A 284 -1.26 2.70 -16.65
CA PHE A 284 -2.57 2.70 -16.06
C PHE A 284 -3.10 4.12 -15.86
N SER A 285 -2.20 5.09 -15.72
CA SER A 285 -2.62 6.49 -15.63
C SER A 285 -3.30 6.92 -16.94
N VAL A 286 -2.67 6.54 -18.05
CA VAL A 286 -3.21 6.72 -19.39
C VAL A 286 -4.55 5.96 -19.61
N LEU A 287 -4.59 4.66 -19.27
CA LEU A 287 -5.79 3.87 -19.40
C LEU A 287 -7.04 4.54 -18.77
N LEU A 288 -6.89 5.15 -17.60
CA LEU A 288 -8.01 5.73 -16.89
C LEU A 288 -8.19 7.21 -17.19
N SER A 289 -7.35 7.78 -18.06
CA SER A 289 -7.40 9.22 -18.20
C SER A 289 -8.68 9.74 -18.87
N PRO A 290 -9.25 8.98 -19.84
CA PRO A 290 -10.52 9.40 -20.45
C PRO A 290 -11.65 9.61 -19.45
N ILE A 291 -11.54 9.00 -18.26
CA ILE A 291 -12.54 9.18 -17.19
C ILE A 291 -11.98 9.92 -15.99
N GLY A 292 -10.73 10.35 -16.10
CA GLY A 292 -10.12 11.26 -15.13
C GLY A 292 -9.68 10.64 -13.81
N MET A 293 -9.60 9.32 -13.76
CA MET A 293 -9.53 8.59 -12.47
C MET A 293 -8.11 8.13 -12.18
N PRO A 294 -7.75 8.08 -10.89
CA PRO A 294 -6.43 7.60 -10.53
C PRO A 294 -6.29 6.06 -10.60
N ALA A 295 -5.10 5.57 -10.94
CA ALA A 295 -4.89 4.09 -11.00
C ALA A 295 -4.53 3.54 -9.61
N LEU A 296 -4.19 4.45 -8.70
CA LEU A 296 -3.86 4.08 -7.34
C LEU A 296 -2.71 3.10 -7.39
N THR A 297 -2.79 2.02 -6.63
CA THR A 297 -1.74 1.00 -6.66
C THR A 297 -2.01 -0.17 -7.59
N TRP A 298 -2.95 -0.03 -8.51
CA TRP A 298 -3.09 -1.05 -9.53
C TRP A 298 -1.76 -1.41 -10.24
N PRO A 299 -0.90 -0.42 -10.54
CA PRO A 299 0.39 -0.80 -11.15
C PRO A 299 1.18 -1.81 -10.32
N PHE A 300 1.38 -1.51 -9.04
CA PHE A 300 2.06 -2.45 -8.13
C PHE A 300 1.36 -3.79 -8.10
N ILE A 301 0.02 -3.74 -7.95
CA ILE A 301 -0.76 -4.97 -7.81
C ILE A 301 -0.57 -5.86 -9.04
N VAL A 302 -0.71 -5.30 -10.24
CA VAL A 302 -0.73 -6.14 -11.47
C VAL A 302 0.67 -6.71 -11.67
N VAL A 303 1.68 -5.88 -11.52
CA VAL A 303 3.03 -6.32 -11.82
C VAL A 303 3.48 -7.33 -10.76
N THR A 304 3.24 -7.01 -9.47
CA THR A 304 3.60 -7.93 -8.36
C THR A 304 2.85 -9.26 -8.42
N TRP A 305 1.54 -9.24 -8.70
CA TRP A 305 0.79 -10.49 -9.00
C TRP A 305 1.45 -11.31 -10.10
N LEU A 306 1.86 -10.66 -11.18
CA LEU A 306 2.52 -11.40 -12.28
C LEU A 306 3.80 -12.08 -11.76
N PHE A 307 4.68 -11.34 -11.06
CA PHE A 307 5.93 -11.95 -10.49
C PHE A 307 5.68 -13.04 -9.42
N LEU A 308 4.61 -12.89 -8.64
CA LEU A 308 4.18 -13.87 -7.62
C LEU A 308 3.65 -15.15 -8.23
N PHE A 309 2.77 -15.00 -9.22
CA PHE A 309 2.23 -16.16 -9.89
C PHE A 309 3.35 -16.89 -10.62
N ALA A 310 4.35 -16.15 -11.13
CA ALA A 310 5.39 -16.77 -11.94
C ALA A 310 6.46 -17.51 -11.11
N GLY A 311 6.60 -17.12 -9.83
CA GLY A 311 7.57 -17.66 -8.89
C GLY A 311 7.74 -19.17 -8.87
N SER A 312 6.63 -19.90 -8.79
CA SER A 312 6.68 -21.35 -8.64
C SER A 312 7.10 -22.08 -9.93
N MET A 313 7.27 -21.34 -11.03
CA MET A 313 7.69 -21.91 -12.32
C MET A 313 9.20 -21.76 -12.51
N PHE A 314 9.83 -20.92 -11.69
CA PHE A 314 11.22 -20.57 -11.82
C PHE A 314 12.01 -21.22 -10.68
N ARG A 315 12.82 -22.21 -11.04
CA ARG A 315 13.59 -22.99 -10.08
C ARG A 315 14.63 -22.11 -9.39
N ASN A 316 15.12 -21.10 -10.11
CA ASN A 316 16.15 -20.19 -9.60
C ASN A 316 15.67 -19.10 -8.65
N ILE A 317 14.35 -19.05 -8.45
CA ILE A 317 13.71 -18.03 -7.66
C ILE A 317 12.88 -18.70 -6.57
N ALA A 318 13.35 -18.52 -5.34
CA ALA A 318 12.84 -19.26 -4.19
C ALA A 318 11.78 -18.46 -3.51
N GLN A 319 10.53 -18.85 -3.75
CA GLN A 319 9.35 -18.24 -3.12
C GLN A 319 9.22 -18.59 -1.65
N VAL A 320 8.70 -17.67 -0.84
CA VAL A 320 8.26 -17.98 0.54
C VAL A 320 6.77 -18.40 0.50
N PRO A 321 6.42 -19.60 1.02
CA PRO A 321 4.99 -19.89 1.16
C PRO A 321 4.29 -18.76 1.91
N THR A 322 3.20 -18.23 1.33
CA THR A 322 2.51 -17.02 1.82
C THR A 322 2.05 -17.16 3.29
N GLU A 323 1.50 -18.33 3.64
CA GLU A 323 1.05 -18.62 5.03
C GLU A 323 2.16 -18.46 6.07
N LYS A 324 3.40 -18.72 5.66
CA LYS A 324 4.57 -18.56 6.54
C LYS A 324 5.18 -17.15 6.55
N ALA A 325 5.02 -16.43 5.44
CA ALA A 325 5.82 -15.23 5.15
C ALA A 325 5.80 -14.13 6.23
N GLY A 326 6.96 -13.92 6.86
CA GLY A 326 7.17 -12.81 7.77
C GLY A 326 8.15 -11.79 7.22
N THR A 327 8.87 -11.11 8.13
CA THR A 327 9.85 -10.10 7.74
C THR A 327 10.96 -10.76 6.89
N PRO A 328 11.68 -9.99 6.06
CA PRO A 328 12.83 -10.63 5.39
C PRO A 328 13.81 -11.34 6.34
N GLU A 329 14.14 -10.70 7.47
CA GLU A 329 15.04 -11.28 8.47
C GLU A 329 14.49 -12.58 9.06
N ASP A 330 13.21 -12.60 9.44
CA ASP A 330 12.63 -13.82 9.98
C ASP A 330 12.57 -14.91 8.90
N ASN A 331 12.25 -14.52 7.67
CA ASN A 331 12.32 -15.45 6.54
C ASN A 331 13.68 -16.17 6.36
N LEU A 332 14.78 -15.44 6.41
CA LEU A 332 16.11 -16.05 6.28
C LEU A 332 16.51 -16.88 7.49
N ARG A 333 16.03 -16.46 8.67
CA ARG A 333 16.30 -17.20 9.91
C ARG A 333 15.67 -18.58 9.93
N SER A 334 14.48 -18.73 9.35
CA SER A 334 13.81 -20.02 9.40
C SER A 334 14.16 -20.92 8.21
N LEU A 335 14.59 -20.30 7.11
CA LEU A 335 15.18 -21.04 5.99
C LEU A 335 16.48 -21.74 6.43
N ALA A 336 17.29 -21.03 7.21
CA ALA A 336 18.56 -21.58 7.70
C ALA A 336 18.38 -22.59 8.85
N ILE A 337 17.13 -22.84 9.26
CA ILE A 337 16.84 -23.88 10.26
C ILE A 337 16.29 -25.16 9.62
AU AU B . 2.57 -10.30 5.89
AU AU C . -0.97 0.96 18.44
AU AU D . -3.74 0.82 17.99
AU AU E . -12.02 12.38 9.05
AU AU F . 19.52 6.25 -11.21
AU AU G . -12.38 12.77 6.12
AU AU H . 18.24 8.21 -13.23
AU AU I . -3.17 -0.88 20.77
AU AU J . -4.67 1.93 21.08
#